data_7KL7
#
_entry.id   7KL7
#
_cell.length_a   40.201
_cell.length_b   51.544
_cell.length_c   82.687
_cell.angle_alpha   90.000
_cell.angle_beta   96.092
_cell.angle_gamma   90.000
#
_symmetry.space_group_name_H-M   'P 1 21 1'
#
loop_
_entity.id
_entity.type
_entity.pdbx_description
1 polymer Phosphoribosyltransferase
2 non-polymer 'SULFATE ION'
3 water water
#
_entity_poly.entity_id   1
_entity_poly.type   'polypeptide(L)'
_entity_poly.pdbx_seq_one_letter_code
;MHHHHHHHYSYETFLKDSLELVKQVEQICGVPEALVCVMRGGMTLTHFLSLHWDLREVYGINAISYDTTHRQNALKIENI
PTIKDHLKTILVVDEIVDSGNSLEAVLKVLQDKHPDKKFYSASLFQKTSAKYKADAFLKDAPEWIDFFWEVDLKNLKSH
;
_entity_poly.pdbx_strand_id   A,B
#
loop_
_chem_comp.id
_chem_comp.type
_chem_comp.name
_chem_comp.formula
SO4 non-polymer 'SULFATE ION' 'O4 S -2'
#
# COMPACT_ATOMS: atom_id res chain seq x y z
N HIS A 5 -13.35 -8.59 24.14
CA HIS A 5 -14.12 -8.78 22.92
C HIS A 5 -13.60 -7.86 21.79
N HIS A 6 -13.21 -6.64 22.13
CA HIS A 6 -12.71 -5.66 21.16
C HIS A 6 -11.18 -5.78 21.03
N HIS A 7 -10.72 -6.27 19.89
CA HIS A 7 -9.29 -6.45 19.70
C HIS A 7 -8.71 -5.26 18.94
N HIS A 8 -7.72 -4.57 19.54
CA HIS A 8 -6.84 -3.66 18.78
C HIS A 8 -5.69 -4.49 18.26
N TYR A 9 -5.51 -4.57 16.94
CA TYR A 9 -4.39 -5.27 16.34
C TYR A 9 -3.29 -4.24 16.16
N SER A 10 -2.23 -4.39 16.93
CA SER A 10 -1.19 -3.35 17.05
C SER A 10 -0.09 -3.53 16.03
N TYR A 11 0.68 -2.45 15.82
CA TYR A 11 1.88 -2.50 14.99
C TYR A 11 2.83 -3.60 15.48
N GLU A 12 3.05 -3.70 16.78
CA GLU A 12 3.96 -4.73 17.29
C GLU A 12 3.46 -6.15 16.97
N THR A 13 2.16 -6.40 17.12
CA THR A 13 1.63 -7.74 16.77
C THR A 13 1.81 -7.99 15.28
N PHE A 14 1.59 -6.94 14.48
CA PHE A 14 1.75 -7.05 13.03
C PHE A 14 3.19 -7.44 12.66
N LEU A 15 4.22 -6.87 13.30
CA LEU A 15 5.59 -7.26 12.98
C LEU A 15 5.83 -8.74 13.21
N LYS A 16 5.39 -9.26 14.37
N LYS A 16 5.38 -9.25 14.37
CA LYS A 16 5.60 -10.68 14.66
CA LYS A 16 5.57 -10.66 14.70
C LYS A 16 4.84 -11.54 13.67
C LYS A 16 4.83 -11.55 13.71
N ASP A 17 3.59 -11.16 13.36
CA ASP A 17 2.79 -11.95 12.44
C ASP A 17 3.36 -11.88 11.04
N SER A 18 3.91 -10.74 10.64
CA SER A 18 4.47 -10.67 9.31
C SER A 18 5.61 -11.67 9.14
N LEU A 19 6.50 -11.79 10.12
CA LEU A 19 7.58 -12.77 10.03
C LEU A 19 7.03 -14.20 9.95
N GLU A 20 5.95 -14.49 10.68
CA GLU A 20 5.41 -15.85 10.60
C GLU A 20 4.75 -16.08 9.26
N LEU A 21 4.12 -15.04 8.68
CA LEU A 21 3.50 -15.20 7.38
C LEU A 21 4.55 -15.46 6.31
N VAL A 22 5.70 -14.79 6.39
CA VAL A 22 6.81 -15.07 5.49
C VAL A 22 7.20 -16.53 5.57
N LYS A 23 7.41 -17.05 6.79
CA LYS A 23 7.78 -18.45 6.97
C LYS A 23 6.75 -19.36 6.31
N GLN A 24 5.46 -19.08 6.57
CA GLN A 24 4.44 -19.98 6.05
C GLN A 24 4.34 -19.92 4.54
N VAL A 25 4.50 -18.73 3.95
CA VAL A 25 4.49 -18.63 2.48
C VAL A 25 5.67 -19.37 1.87
N GLU A 26 6.87 -19.17 2.42
CA GLU A 26 8.02 -19.84 1.83
C GLU A 26 7.86 -21.35 1.85
N GLN A 27 7.16 -21.87 2.84
CA GLN A 27 6.95 -23.31 2.91
C GLN A 27 6.08 -23.81 1.78
N ILE A 28 5.12 -23.01 1.29
CA ILE A 28 4.21 -23.54 0.25
C ILE A 28 4.79 -23.26 -1.13
N CYS A 29 5.21 -22.01 -1.41
CA CYS A 29 5.58 -21.63 -2.77
C CYS A 29 6.99 -21.08 -2.91
N GLY A 30 7.77 -21.12 -1.82
CA GLY A 30 9.05 -20.46 -1.82
C GLY A 30 8.89 -18.95 -1.81
N VAL A 31 10.01 -18.27 -2.09
CA VAL A 31 9.95 -16.82 -2.17
C VAL A 31 9.19 -16.44 -3.44
N PRO A 32 8.16 -15.59 -3.34
CA PRO A 32 7.41 -15.18 -4.54
C PRO A 32 8.28 -14.35 -5.46
N GLU A 33 7.89 -14.30 -6.72
CA GLU A 33 8.57 -13.44 -7.68
C GLU A 33 7.94 -12.06 -7.74
N ALA A 34 6.70 -11.91 -7.32
CA ALA A 34 6.01 -10.62 -7.35
C ALA A 34 4.86 -10.70 -6.36
N LEU A 35 4.37 -9.55 -5.93
CA LEU A 35 3.21 -9.48 -5.04
C LEU A 35 2.13 -8.70 -5.71
N VAL A 36 0.86 -9.11 -5.50
CA VAL A 36 -0.29 -8.26 -5.82
C VAL A 36 -0.94 -7.93 -4.50
N CYS A 37 -1.03 -6.64 -4.18
CA CYS A 37 -1.69 -6.18 -2.98
C CYS A 37 -3.18 -5.97 -3.27
N VAL A 38 -4.05 -6.53 -2.43
CA VAL A 38 -5.49 -6.28 -2.55
C VAL A 38 -5.72 -4.98 -1.78
N MET A 39 -5.83 -3.89 -2.51
CA MET A 39 -6.03 -2.61 -1.87
C MET A 39 -7.44 -2.48 -1.33
N ARG A 40 -7.64 -1.71 -0.24
CA ARG A 40 -6.58 -1.07 0.54
C ARG A 40 -5.95 -1.97 1.59
N GLY A 41 -6.66 -2.97 2.06
CA GLY A 41 -6.30 -3.65 3.28
C GLY A 41 -4.96 -4.35 3.25
N GLY A 42 -4.46 -4.74 2.07
CA GLY A 42 -3.18 -5.39 2.01
C GLY A 42 -1.98 -4.46 1.86
N MET A 43 -2.18 -3.13 1.81
CA MET A 43 -1.06 -2.24 1.37
C MET A 43 0.11 -2.26 2.34
N THR A 44 -0.14 -2.01 3.64
CA THR A 44 0.99 -1.98 4.58
C THR A 44 1.65 -3.36 4.63
N LEU A 45 0.87 -4.45 4.70
CA LEU A 45 1.45 -5.80 4.71
C LEU A 45 2.32 -6.03 3.48
N THR A 46 1.79 -5.71 2.28
CA THR A 46 2.60 -5.90 1.09
C THR A 46 3.85 -5.03 1.06
N HIS A 47 3.78 -3.82 1.65
CA HIS A 47 4.98 -2.99 1.67
C HIS A 47 6.04 -3.68 2.52
N PHE A 48 5.65 -4.15 3.72
CA PHE A 48 6.65 -4.79 4.55
C PHE A 48 7.18 -6.08 3.91
N LEU A 49 6.29 -6.86 3.27
CA LEU A 49 6.75 -8.14 2.74
C LEU A 49 7.64 -7.93 1.54
N SER A 50 7.30 -6.96 0.68
CA SER A 50 8.14 -6.71 -0.50
C SER A 50 9.54 -6.22 -0.12
N LEU A 51 9.64 -5.41 0.95
CA LEU A 51 10.99 -5.03 1.37
C LEU A 51 11.71 -6.19 2.04
N HIS A 52 10.99 -7.04 2.74
CA HIS A 52 11.65 -8.16 3.38
C HIS A 52 12.25 -9.13 2.36
N TRP A 53 11.50 -9.39 1.28
CA TRP A 53 11.95 -10.29 0.23
C TRP A 53 12.76 -9.60 -0.86
N ASP A 54 12.96 -8.29 -0.74
CA ASP A 54 13.71 -7.53 -1.74
C ASP A 54 13.02 -7.65 -3.11
N LEU A 55 11.71 -7.52 -3.13
CA LEU A 55 10.92 -7.66 -4.36
C LEU A 55 10.42 -6.29 -4.80
N ARG A 56 10.86 -5.85 -5.98
CA ARG A 56 10.33 -4.59 -6.53
C ARG A 56 9.08 -4.78 -7.36
N GLU A 57 8.76 -6.02 -7.77
CA GLU A 57 7.57 -6.22 -8.60
C GLU A 57 6.35 -6.33 -7.72
N VAL A 58 5.73 -5.18 -7.46
CA VAL A 58 4.57 -5.08 -6.61
C VAL A 58 3.48 -4.38 -7.39
N TYR A 59 2.30 -5.00 -7.45
CA TYR A 59 1.17 -4.52 -8.23
C TYR A 59 0.02 -4.37 -7.27
N GLY A 60 -0.98 -3.59 -7.67
CA GLY A 60 -2.16 -3.44 -6.84
C GLY A 60 -3.39 -3.83 -7.64
N ILE A 61 -4.44 -4.12 -6.90
CA ILE A 61 -5.76 -4.39 -7.47
C ILE A 61 -6.74 -3.95 -6.41
N ASN A 62 -7.93 -3.46 -6.81
CA ASN A 62 -8.86 -2.95 -5.83
C ASN A 62 -10.09 -3.83 -5.78
N ALA A 63 -10.55 -4.13 -4.57
CA ALA A 63 -11.81 -4.81 -4.36
C ALA A 63 -12.68 -3.82 -3.60
N ILE A 64 -13.77 -3.39 -4.22
CA ILE A 64 -14.60 -2.32 -3.70
C ILE A 64 -16.03 -2.79 -3.74
N SER A 65 -16.75 -2.59 -2.63
CA SER A 65 -18.17 -2.92 -2.58
C SER A 65 -19.01 -1.66 -2.75
N TYR A 66 -19.99 -1.70 -3.65
CA TYR A 66 -20.90 -0.59 -3.87
C TYR A 66 -22.32 -1.01 -3.49
N ASP A 67 -23.18 -0.02 -3.34
CA ASP A 67 -24.57 -0.25 -2.98
C ASP A 67 -25.36 -0.81 -4.15
N THR A 68 -26.06 -1.93 -3.91
CA THR A 68 -26.93 -2.59 -4.88
C THR A 68 -28.36 -2.02 -4.93
N THR A 69 -28.58 -0.78 -4.51
CA THR A 69 -29.92 -0.20 -4.56
C THR A 69 -30.33 0.12 -5.99
N ARG A 71 -27.98 -1.58 -8.81
CA ARG A 71 -26.96 -2.39 -9.48
C ARG A 71 -27.15 -3.89 -9.21
N GLN A 72 -26.68 -4.73 -10.14
CA GLN A 72 -26.86 -6.18 -10.01
C GLN A 72 -25.91 -6.77 -8.97
N ASN A 73 -24.67 -6.31 -8.91
CA ASN A 73 -23.67 -6.87 -8.01
C ASN A 73 -22.92 -5.77 -7.28
N ALA A 74 -22.73 -5.97 -5.97
CA ALA A 74 -22.10 -4.95 -5.14
C ALA A 74 -20.60 -4.91 -5.36
N LEU A 75 -19.98 -6.08 -5.29
CA LEU A 75 -18.52 -6.19 -5.27
C LEU A 75 -17.99 -5.91 -6.64
N LYS A 76 -16.95 -5.11 -6.71
CA LYS A 76 -16.53 -4.88 -8.05
C LYS A 76 -14.99 -4.85 -7.95
N ILE A 77 -14.32 -5.53 -8.87
CA ILE A 77 -12.83 -5.62 -8.87
C ILE A 77 -12.33 -4.64 -9.93
N GLU A 78 -11.45 -3.73 -9.53
CA GLU A 78 -11.06 -2.63 -10.40
C GLU A 78 -9.53 -2.53 -10.48
N ASN A 79 -9.05 -1.85 -11.53
CA ASN A 79 -7.63 -1.59 -11.69
C ASN A 79 -6.81 -2.88 -11.73
N ILE A 80 -7.19 -3.78 -12.64
CA ILE A 80 -6.51 -5.06 -12.82
C ILE A 80 -5.10 -4.87 -13.36
N PRO A 81 -4.10 -5.34 -12.66
CA PRO A 81 -2.73 -5.15 -13.09
C PRO A 81 -2.39 -6.03 -14.28
N THR A 82 -1.38 -5.59 -15.03
CA THR A 82 -0.82 -6.37 -16.13
C THR A 82 0.55 -6.81 -15.66
N ILE A 83 0.63 -8.05 -15.26
CA ILE A 83 1.86 -8.55 -14.66
C ILE A 83 2.83 -8.95 -15.75
N LYS A 84 4.11 -8.64 -15.59
CA LYS A 84 5.08 -8.88 -16.65
C LYS A 84 5.23 -10.37 -16.98
N ASP A 85 5.67 -10.63 -18.21
CA ASP A 85 5.66 -11.99 -18.75
C ASP A 85 6.56 -12.91 -17.98
N HIS A 86 7.71 -12.42 -17.52
CA HIS A 86 8.72 -13.30 -16.93
C HIS A 86 8.41 -13.64 -15.46
N LEU A 87 7.31 -13.12 -14.88
CA LEU A 87 6.99 -13.40 -13.48
C LEU A 87 5.96 -14.52 -13.42
N LYS A 88 6.29 -15.60 -12.71
CA LYS A 88 5.40 -16.76 -12.77
C LYS A 88 4.80 -17.13 -11.44
N THR A 89 5.46 -16.87 -10.32
CA THR A 89 4.98 -17.27 -8.99
C THR A 89 4.59 -15.98 -8.30
N ILE A 90 3.30 -15.76 -8.10
CA ILE A 90 2.78 -14.48 -7.66
C ILE A 90 2.05 -14.69 -6.32
N LEU A 91 2.31 -13.84 -5.32
CA LEU A 91 1.58 -13.89 -4.07
C LEU A 91 0.60 -12.73 -3.96
N VAL A 92 -0.67 -13.05 -3.74
CA VAL A 92 -1.71 -12.05 -3.58
C VAL A 92 -1.89 -11.88 -2.08
N VAL A 93 -1.83 -10.62 -1.60
CA VAL A 93 -1.72 -10.31 -0.19
C VAL A 93 -2.95 -9.55 0.27
N ASP A 94 -3.58 -10.00 1.38
CA ASP A 94 -4.67 -9.26 1.99
C ASP A 94 -4.54 -9.39 3.50
N GLU A 95 -5.29 -8.57 4.26
CA GLU A 95 -5.06 -8.57 5.71
C GLU A 95 -6.11 -9.46 6.36
N ILE A 96 -7.36 -9.51 5.85
CA ILE A 96 -8.42 -10.32 6.46
C ILE A 96 -9.30 -10.86 5.34
N VAL A 97 -9.69 -12.12 5.49
CA VAL A 97 -10.65 -12.78 4.59
C VAL A 97 -11.87 -13.01 5.45
N ASP A 98 -12.99 -12.40 5.06
CA ASP A 98 -14.23 -12.48 5.82
C ASP A 98 -15.12 -13.53 5.17
N SER A 99 -15.93 -13.14 4.18
CA SER A 99 -16.67 -14.15 3.41
C SER A 99 -15.76 -14.86 2.43
N GLY A 100 -14.66 -14.23 2.04
CA GLY A 100 -13.86 -14.76 0.97
C GLY A 100 -14.26 -14.30 -0.42
N ASN A 101 -15.38 -13.56 -0.56
CA ASN A 101 -15.90 -13.22 -1.89
C ASN A 101 -14.92 -12.31 -2.65
N SER A 102 -14.31 -11.34 -1.97
CA SER A 102 -13.39 -10.42 -2.62
C SER A 102 -12.15 -11.14 -3.10
N LEU A 103 -11.54 -11.94 -2.21
CA LEU A 103 -10.32 -12.63 -2.58
C LEU A 103 -10.58 -13.62 -3.70
N GLU A 104 -11.70 -14.34 -3.63
CA GLU A 104 -12.02 -15.28 -4.70
C GLU A 104 -12.18 -14.53 -6.02
N ALA A 105 -12.81 -13.35 -6.00
CA ALA A 105 -12.99 -12.59 -7.25
C ALA A 105 -11.67 -12.04 -7.77
N VAL A 106 -10.80 -11.61 -6.86
CA VAL A 106 -9.46 -11.13 -7.27
C VAL A 106 -8.69 -12.26 -7.97
N LEU A 107 -8.67 -13.45 -7.35
CA LEU A 107 -7.92 -14.56 -7.96
C LEU A 107 -8.51 -14.95 -9.29
N LYS A 108 -9.84 -14.90 -9.41
CA LYS A 108 -10.43 -15.34 -10.64
C LYS A 108 -10.04 -14.41 -11.78
N VAL A 109 -10.06 -13.09 -11.52
CA VAL A 109 -9.67 -12.17 -12.60
C VAL A 109 -8.19 -12.24 -12.91
N LEU A 110 -7.35 -12.38 -11.85
CA LEU A 110 -5.90 -12.48 -12.10
C LEU A 110 -5.56 -13.71 -12.90
N GLN A 111 -6.19 -14.84 -12.56
CA GLN A 111 -5.91 -16.07 -13.29
C GLN A 111 -6.41 -16.01 -14.73
N ASP A 112 -7.58 -15.37 -14.95
CA ASP A 112 -8.14 -15.24 -16.30
C ASP A 112 -7.21 -14.39 -17.18
N LYS A 113 -6.69 -13.31 -16.61
CA LYS A 113 -5.86 -12.43 -17.39
C LYS A 113 -4.45 -12.99 -17.58
N HIS A 114 -4.00 -13.85 -16.65
CA HIS A 114 -2.63 -14.35 -16.64
C HIS A 114 -2.64 -15.88 -16.52
N PRO A 115 -3.11 -16.58 -17.55
CA PRO A 115 -3.31 -18.03 -17.39
C PRO A 115 -2.02 -18.82 -17.28
N ASP A 116 -0.88 -18.20 -17.58
CA ASP A 116 0.47 -18.78 -17.50
C ASP A 116 1.08 -18.73 -16.11
N LYS A 117 0.45 -18.03 -15.14
CA LYS A 117 1.11 -17.77 -13.88
C LYS A 117 0.45 -18.57 -12.76
N LYS A 118 1.20 -18.77 -11.69
CA LYS A 118 0.67 -19.42 -10.49
C LYS A 118 0.44 -18.38 -9.43
N PHE A 119 -0.80 -18.24 -8.98
CA PHE A 119 -1.14 -17.31 -7.92
C PHE A 119 -1.40 -18.04 -6.62
N TYR A 120 -0.76 -17.58 -5.55
CA TYR A 120 -1.02 -18.07 -4.20
C TYR A 120 -1.53 -16.90 -3.42
N SER A 121 -2.32 -17.14 -2.38
CA SER A 121 -2.86 -16.06 -1.59
C SER A 121 -2.49 -16.22 -0.13
N ALA A 122 -2.31 -15.07 0.54
CA ALA A 122 -1.95 -15.06 1.96
C ALA A 122 -2.67 -13.95 2.67
N SER A 123 -3.15 -14.24 3.88
CA SER A 123 -3.85 -13.28 4.71
C SER A 123 -3.37 -13.42 6.14
N LEU A 124 -3.39 -12.32 6.89
CA LEU A 124 -3.14 -12.42 8.32
C LEU A 124 -4.28 -13.14 9.01
N PHE A 125 -5.52 -12.71 8.76
CA PHE A 125 -6.69 -13.24 9.45
C PHE A 125 -7.67 -13.85 8.47
N GLN A 126 -8.36 -14.88 8.94
CA GLN A 126 -9.33 -15.55 8.09
C GLN A 126 -10.51 -16.03 8.93
N LYS A 127 -11.73 -15.67 8.54
CA LYS A 127 -12.90 -16.24 9.21
C LYS A 127 -12.99 -17.75 9.00
N THR A 128 -13.27 -18.48 10.08
CA THR A 128 -13.38 -19.95 9.94
C THR A 128 -14.51 -20.34 9.03
N SER A 129 -15.56 -19.53 8.99
CA SER A 129 -16.74 -19.88 8.18
C SER A 129 -16.69 -19.33 6.77
N ALA A 130 -15.57 -18.72 6.37
CA ALA A 130 -15.44 -18.17 5.02
C ALA A 130 -15.73 -19.25 3.98
N LYS A 131 -16.46 -18.87 2.94
CA LYS A 131 -16.74 -19.81 1.86
C LYS A 131 -15.52 -20.06 1.01
N TYR A 132 -14.62 -19.11 0.94
CA TYR A 132 -13.40 -19.23 0.16
C TYR A 132 -12.25 -18.79 1.05
N LYS A 133 -11.17 -19.57 1.09
CA LYS A 133 -10.09 -19.33 2.01
C LYS A 133 -8.77 -19.10 1.27
N ALA A 134 -7.92 -18.31 1.91
CA ALA A 134 -6.57 -18.04 1.38
C ALA A 134 -5.73 -19.32 1.48
N ASP A 135 -4.68 -19.42 0.65
CA ASP A 135 -3.80 -20.57 0.75
C ASP A 135 -3.05 -20.59 2.07
N ALA A 136 -2.64 -19.39 2.55
CA ALA A 136 -1.92 -19.28 3.80
C ALA A 136 -2.63 -18.24 4.65
N PHE A 137 -2.91 -18.56 5.91
CA PHE A 137 -3.39 -17.54 6.82
C PHE A 137 -2.82 -17.85 8.20
N LEU A 138 -2.81 -16.86 9.09
CA LEU A 138 -2.20 -17.07 10.40
C LEU A 138 -3.20 -17.33 11.52
N LYS A 139 -4.27 -16.54 11.58
CA LYS A 139 -5.13 -16.45 12.75
C LYS A 139 -6.59 -16.45 12.34
N ASP A 140 -7.42 -17.09 13.16
CA ASP A 140 -8.85 -17.02 12.94
C ASP A 140 -9.29 -15.59 13.22
N ALA A 141 -10.17 -15.09 12.38
CA ALA A 141 -10.61 -13.72 12.55
C ALA A 141 -11.54 -13.61 13.75
N PRO A 142 -11.24 -12.76 14.72
CA PRO A 142 -12.19 -12.55 15.82
C PRO A 142 -13.42 -11.80 15.33
N GLU A 143 -14.43 -11.78 16.19
CA GLU A 143 -15.67 -11.09 15.84
C GLU A 143 -15.43 -9.61 15.57
N TRP A 144 -14.56 -8.96 16.34
CA TRP A 144 -14.57 -7.51 16.28
C TRP A 144 -13.07 -7.21 16.28
N ILE A 145 -12.53 -6.54 15.27
CA ILE A 145 -11.09 -6.27 15.20
C ILE A 145 -10.79 -4.90 14.60
N ASP A 146 -9.99 -4.09 15.31
CA ASP A 146 -9.53 -2.77 14.88
C ASP A 146 -8.07 -2.86 14.47
N PHE A 147 -7.78 -2.59 13.20
CA PHE A 147 -6.38 -2.61 12.79
C PHE A 147 -5.67 -1.27 13.01
N PHE A 148 -4.37 -1.33 13.39
CA PHE A 148 -3.62 -0.10 13.67
C PHE A 148 -3.68 0.88 12.50
N TRP A 149 -3.64 0.41 11.25
CA TRP A 149 -3.70 1.32 10.09
C TRP A 149 -5.05 1.99 9.93
N GLU A 150 -6.10 1.46 10.59
CA GLU A 150 -7.41 2.08 10.58
C GLU A 150 -7.60 3.10 11.71
N VAL A 151 -7.04 2.83 12.89
CA VAL A 151 -7.44 3.55 14.10
C VAL A 151 -6.35 4.39 14.74
N ASP A 152 -5.06 4.09 14.54
CA ASP A 152 -4.04 4.75 15.36
C ASP A 152 -3.95 6.24 15.05
N LEU A 153 -4.21 6.65 13.81
CA LEU A 153 -4.01 8.04 13.48
C LEU A 153 -5.18 8.84 14.04
N LYS A 154 -6.41 8.34 13.91
CA LYS A 154 -7.49 9.08 14.54
C LYS A 154 -7.42 9.05 16.07
N ASN A 155 -6.89 7.97 16.67
CA ASN A 155 -6.78 7.97 18.14
C ASN A 155 -5.72 8.98 18.59
N LEU A 156 -4.62 9.10 17.85
CA LEU A 156 -3.60 10.08 18.24
C LEU A 156 -4.14 11.49 18.10
N LYS A 157 -4.92 11.73 17.04
CA LYS A 157 -5.42 13.08 16.82
C LYS A 157 -6.36 13.50 17.95
N SER A 158 -7.09 12.58 18.51
CA SER A 158 -8.12 12.92 19.48
C SER A 158 -7.65 12.89 20.92
N HIS A 159 -6.34 12.72 21.15
CA HIS A 159 -5.81 12.60 22.49
C HIS A 159 -4.50 13.38 22.61
N HIS B 3 31.25 8.51 7.66
CA HIS B 3 30.86 9.44 6.60
C HIS B 3 29.59 10.23 6.98
N HIS B 4 28.43 9.60 6.93
CA HIS B 4 27.18 10.28 7.26
C HIS B 4 26.52 9.62 8.46
N HIS B 5 25.87 10.45 9.28
CA HIS B 5 25.28 9.89 10.49
C HIS B 5 23.93 9.24 10.20
N HIS B 6 23.53 8.31 11.07
CA HIS B 6 22.44 7.38 10.80
C HIS B 6 21.15 7.93 11.39
N HIS B 7 20.22 8.35 10.55
CA HIS B 7 18.91 8.75 11.01
C HIS B 7 17.90 7.62 10.79
N HIS B 8 16.87 7.59 11.62
CA HIS B 8 15.87 6.53 11.54
C HIS B 8 14.48 7.09 11.76
N TYR B 9 13.52 6.59 10.98
CA TYR B 9 12.11 7.04 11.05
C TYR B 9 11.26 5.93 11.64
N SER B 10 10.79 6.12 12.84
CA SER B 10 10.01 5.11 13.54
C SER B 10 8.52 5.23 13.24
N TYR B 11 7.79 4.20 13.67
CA TYR B 11 6.36 4.20 13.49
C TYR B 11 5.72 5.37 14.24
N GLU B 12 6.16 5.63 15.48
CA GLU B 12 5.54 6.72 16.25
C GLU B 12 5.76 8.08 15.58
N THR B 13 6.99 8.27 15.03
CA THR B 13 7.25 9.51 14.30
C THR B 13 6.37 9.64 13.08
N PHE B 14 6.16 8.51 12.38
CA PHE B 14 5.32 8.50 11.19
C PHE B 14 3.89 8.90 11.52
N LEU B 15 3.36 8.41 12.65
CA LEU B 15 1.98 8.77 12.98
C LEU B 15 1.83 10.27 13.20
N LYS B 16 2.77 10.85 13.97
CA LYS B 16 2.67 12.28 14.26
C LYS B 16 2.83 13.09 12.97
N ASP B 17 3.76 12.68 12.11
CA ASP B 17 3.96 13.46 10.89
C ASP B 17 2.80 13.24 9.92
N SER B 18 2.19 12.07 9.90
CA SER B 18 1.09 11.88 8.97
C SER B 18 -0.08 12.79 9.29
N LEU B 19 -0.31 13.09 10.57
CA LEU B 19 -1.38 14.02 10.89
C LEU B 19 -1.05 15.41 10.35
N GLU B 20 0.21 15.80 10.42
CA GLU B 20 0.62 17.09 9.88
C GLU B 20 0.51 17.13 8.36
N LEU B 21 0.88 16.02 7.71
CA LEU B 21 0.74 15.95 6.26
C LEU B 21 -0.72 16.09 5.86
N VAL B 22 -1.62 15.46 6.62
CA VAL B 22 -3.05 15.59 6.33
C VAL B 22 -3.46 17.05 6.41
N LYS B 23 -3.04 17.72 7.47
CA LYS B 23 -3.45 19.11 7.66
C LYS B 23 -2.92 19.95 6.50
N GLN B 24 -1.65 19.72 6.11
CA GLN B 24 -1.11 20.59 5.07
C GLN B 24 -1.73 20.31 3.70
N VAL B 25 -2.00 19.03 3.38
CA VAL B 25 -2.69 18.75 2.12
C VAL B 25 -4.06 19.41 2.12
N GLU B 26 -4.77 19.31 3.26
CA GLU B 26 -6.12 19.90 3.29
C GLU B 26 -6.07 21.40 3.02
N GLN B 27 -5.02 22.07 3.51
CA GLN B 27 -4.88 23.49 3.27
C GLN B 27 -4.66 23.81 1.79
N ILE B 28 -3.92 22.96 1.08
CA ILE B 28 -3.52 23.30 -0.29
C ILE B 28 -4.58 22.90 -1.31
N CYS B 29 -5.18 21.71 -1.14
CA CYS B 29 -6.13 21.24 -2.14
C CYS B 29 -7.40 20.63 -1.56
N GLY B 30 -7.61 20.71 -0.24
CA GLY B 30 -8.75 20.06 0.35
C GLY B 30 -8.51 18.56 0.47
N VAL B 31 -9.52 17.82 0.90
CA VAL B 31 -9.37 16.36 0.93
C VAL B 31 -9.36 15.84 -0.50
N PRO B 32 -8.36 15.06 -0.87
CA PRO B 32 -8.29 14.55 -2.25
C PRO B 32 -9.47 13.64 -2.58
N GLU B 33 -9.77 13.55 -3.87
CA GLU B 33 -10.79 12.59 -4.31
C GLU B 33 -10.20 11.20 -4.58
N ALA B 34 -8.88 11.11 -4.75
CA ALA B 34 -8.24 9.83 -5.00
C ALA B 34 -6.76 9.97 -4.68
N LEU B 35 -6.10 8.83 -4.45
CA LEU B 35 -4.65 8.83 -4.23
C LEU B 35 -3.98 8.01 -5.28
N VAL B 36 -2.76 8.39 -5.62
CA VAL B 36 -1.86 7.54 -6.41
C VAL B 36 -0.67 7.31 -5.51
N CYS B 37 -0.41 6.06 -5.17
CA CYS B 37 0.69 5.65 -4.33
C CYS B 37 1.89 5.40 -5.24
N VAL B 38 3.02 6.07 -5.01
CA VAL B 38 4.24 5.71 -5.70
C VAL B 38 4.83 4.48 -5.01
N MET B 39 4.73 3.34 -5.65
CA MET B 39 5.15 2.10 -5.02
C MET B 39 6.66 1.91 -5.25
N ARG B 40 7.36 1.31 -4.27
CA ARG B 40 6.81 0.76 -3.03
C ARG B 40 6.72 1.78 -1.88
N GLY B 41 7.57 2.82 -1.99
CA GLY B 41 7.85 3.64 -0.82
C GLY B 41 6.68 4.38 -0.24
N GLY B 42 5.67 4.71 -1.05
CA GLY B 42 4.47 5.35 -0.56
C GLY B 42 3.39 4.42 0.01
N MET B 43 3.58 3.09 0.01
CA MET B 43 2.45 2.16 0.29
C MET B 43 1.86 2.32 1.67
N THR B 44 2.71 2.25 2.70
CA THR B 44 2.21 2.37 4.06
C THR B 44 1.57 3.74 4.27
N LEU B 45 2.25 4.82 3.83
CA LEU B 45 1.67 6.15 3.98
C LEU B 45 0.29 6.22 3.30
N THR B 46 0.22 5.77 2.04
CA THR B 46 -1.04 5.88 1.33
C THR B 46 -2.14 5.03 2.00
N HIS B 47 -1.78 3.86 2.57
CA HIS B 47 -2.76 3.06 3.27
C HIS B 47 -3.37 3.88 4.42
N PHE B 48 -2.49 4.46 5.24
CA PHE B 48 -2.97 5.22 6.40
C PHE B 48 -3.76 6.45 5.96
N LEU B 49 -3.32 7.13 4.89
CA LEU B 49 -4.07 8.31 4.47
C LEU B 49 -5.41 7.95 3.85
N SER B 50 -5.45 6.88 3.05
CA SER B 50 -6.73 6.52 2.44
C SER B 50 -7.76 6.11 3.48
N LEU B 51 -7.32 5.41 4.55
CA LEU B 51 -8.28 5.10 5.58
C LEU B 51 -8.68 6.35 6.36
N HIS B 52 -7.73 7.27 6.60
CA HIS B 52 -8.09 8.44 7.40
C HIS B 52 -9.13 9.30 6.68
N TRP B 53 -9.00 9.39 5.36
CA TRP B 53 -9.91 10.18 4.55
C TRP B 53 -11.04 9.36 3.95
N ASP B 54 -11.13 8.08 4.30
CA ASP B 54 -12.22 7.23 3.80
C ASP B 54 -12.26 7.20 2.26
N LEU B 55 -11.09 7.10 1.65
CA LEU B 55 -10.97 7.12 0.19
C LEU B 55 -10.74 5.71 -0.27
N ARG B 56 -11.64 5.20 -1.14
CA ARG B 56 -11.43 3.89 -1.74
C ARG B 56 -10.75 3.98 -3.08
N GLU B 57 -10.66 5.17 -3.69
CA GLU B 57 -10.02 5.33 -4.99
C GLU B 57 -8.52 5.51 -4.77
N VAL B 58 -7.80 4.40 -4.71
CA VAL B 58 -6.37 4.37 -4.45
C VAL B 58 -5.75 3.61 -5.60
N TYR B 59 -4.85 4.27 -6.32
CA TYR B 59 -4.19 3.71 -7.48
C TYR B 59 -2.71 3.57 -7.17
N GLY B 60 -2.04 2.66 -7.87
CA GLY B 60 -0.59 2.56 -7.74
C GLY B 60 0.13 2.97 -9.01
N ILE B 61 1.43 3.26 -8.88
CA ILE B 61 2.33 3.44 -10.01
C ILE B 61 3.74 3.16 -9.51
N ASN B 62 4.60 2.68 -10.38
CA ASN B 62 5.96 2.29 -10.03
C ASN B 62 6.94 3.02 -10.99
N ALA B 63 8.11 3.35 -10.48
CA ALA B 63 9.10 3.91 -11.37
C ALA B 63 10.16 2.85 -11.69
N ALA B 74 18.41 7.00 -16.33
CA ALA B 74 17.01 7.34 -16.40
C ALA B 74 16.16 6.18 -15.93
N LEU B 75 14.87 6.28 -16.20
CA LEU B 75 13.93 5.20 -15.92
C LEU B 75 12.55 5.57 -16.43
N LYS B 76 11.72 4.55 -16.57
CA LYS B 76 10.39 4.64 -17.12
C LYS B 76 9.41 4.43 -15.98
N ILE B 77 8.24 4.99 -16.18
CA ILE B 77 7.18 4.83 -15.23
C ILE B 77 6.37 3.62 -15.68
N GLU B 78 6.09 2.68 -14.75
CA GLU B 78 5.43 1.42 -15.06
C GLU B 78 4.08 1.36 -14.37
N ASN B 79 3.20 0.52 -14.90
CA ASN B 79 1.91 0.28 -14.25
C ASN B 79 1.14 1.58 -14.06
N ILE B 80 1.01 2.35 -15.14
CA ILE B 80 0.38 3.66 -15.04
C ILE B 80 -1.13 3.50 -14.90
N PRO B 81 -1.76 4.07 -13.89
CA PRO B 81 -3.18 3.82 -13.66
C PRO B 81 -4.05 4.60 -14.64
N THR B 82 -5.29 4.19 -14.75
CA THR B 82 -6.29 4.92 -15.50
C THR B 82 -7.31 5.40 -14.47
N ILE B 83 -7.31 6.68 -14.19
CA ILE B 83 -8.12 7.23 -13.12
C ILE B 83 -9.52 7.57 -13.64
N LYS B 84 -10.55 7.21 -12.86
CA LYS B 84 -11.93 7.43 -13.29
C LYS B 84 -12.19 8.90 -13.67
N ASP B 85 -13.10 9.07 -14.65
CA ASP B 85 -13.38 10.39 -15.22
C ASP B 85 -13.80 11.41 -14.16
N HIS B 86 -14.69 11.02 -13.24
CA HIS B 86 -15.25 12.02 -12.32
C HIS B 86 -14.30 12.46 -11.22
N LEU B 87 -13.14 11.83 -11.04
CA LEU B 87 -12.23 12.19 -9.97
C LEU B 87 -11.34 13.33 -10.44
N LYS B 88 -11.44 14.48 -9.79
CA LYS B 88 -10.70 15.63 -10.32
C LYS B 88 -9.48 16.04 -9.49
N THR B 89 -9.48 15.86 -8.17
CA THR B 89 -8.36 16.31 -7.34
C THR B 89 -7.64 15.07 -6.83
N ILE B 90 -6.40 14.87 -7.27
CA ILE B 90 -5.68 13.63 -7.03
C ILE B 90 -4.40 13.95 -6.24
N LEU B 91 -4.12 13.16 -5.23
CA LEU B 91 -2.88 13.31 -4.46
C LEU B 91 -1.94 12.16 -4.76
N VAL B 92 -0.75 12.49 -5.20
CA VAL B 92 0.31 11.51 -5.42
C VAL B 92 1.16 11.46 -4.17
N VAL B 93 1.42 10.25 -3.62
CA VAL B 93 1.97 10.04 -2.27
C VAL B 93 3.28 9.31 -2.38
N ASP B 94 4.35 9.86 -1.78
CA ASP B 94 5.66 9.19 -1.69
C ASP B 94 6.24 9.42 -0.31
N GLU B 95 7.26 8.62 0.07
CA GLU B 95 7.73 8.81 1.45
C GLU B 95 8.94 9.77 1.42
N ILE B 96 9.75 9.73 0.35
CA ILE B 96 10.95 10.56 0.31
C ILE B 96 11.20 10.94 -1.14
N VAL B 97 11.64 12.19 -1.36
CA VAL B 97 12.03 12.69 -2.65
C VAL B 97 13.52 12.99 -2.55
N ASP B 98 14.35 12.28 -3.33
CA ASP B 98 15.81 12.36 -3.25
C ASP B 98 16.34 13.28 -4.35
N SER B 99 16.54 12.75 -5.55
CA SER B 99 16.90 13.61 -6.66
C SER B 99 15.68 14.36 -7.19
N GLY B 100 14.47 13.80 -7.02
CA GLY B 100 13.29 14.37 -7.63
C GLY B 100 12.98 13.82 -9.01
N ASN B 101 13.86 12.99 -9.56
CA ASN B 101 13.61 12.50 -10.91
C ASN B 101 12.39 11.59 -10.97
N SER B 102 12.22 10.73 -9.98
N SER B 102 12.19 10.75 -9.97
CA SER B 102 11.09 9.80 -9.98
CA SER B 102 11.08 9.81 -10.03
C SER B 102 9.78 10.56 -9.91
C SER B 102 9.75 10.53 -9.88
N LEU B 103 9.65 11.44 -8.91
CA LEU B 103 8.41 12.14 -8.71
C LEU B 103 8.08 13.01 -9.93
N GLU B 104 9.10 13.69 -10.50
CA GLU B 104 8.83 14.53 -11.67
C GLU B 104 8.29 13.68 -12.81
N ALA B 105 8.86 12.49 -13.00
CA ALA B 105 8.44 11.66 -14.12
C ALA B 105 7.06 11.05 -13.88
N VAL B 106 6.75 10.69 -12.64
CA VAL B 106 5.41 10.21 -12.28
C VAL B 106 4.36 11.27 -12.59
N LEU B 107 4.62 12.51 -12.15
CA LEU B 107 3.66 13.59 -12.39
C LEU B 107 3.50 13.86 -13.87
N LYS B 108 4.60 13.77 -14.63
CA LYS B 108 4.53 14.05 -16.06
C LYS B 108 3.61 13.05 -16.74
N VAL B 109 3.76 11.77 -16.40
CA VAL B 109 2.98 10.74 -17.07
C VAL B 109 1.51 10.83 -16.66
N LEU B 110 1.25 11.09 -15.37
CA LEU B 110 -0.14 11.20 -14.92
C LEU B 110 -0.84 12.39 -15.54
N GLN B 111 -0.16 13.54 -15.60
CA GLN B 111 -0.80 14.73 -16.13
C GLN B 111 -1.01 14.63 -17.63
N ASP B 112 -0.05 14.01 -18.36
CA ASP B 112 -0.26 13.80 -19.79
C ASP B 112 -1.48 12.93 -20.03
N LYS B 113 -1.67 11.92 -19.18
CA LYS B 113 -2.70 10.94 -19.49
C LYS B 113 -4.06 11.48 -19.09
N HIS B 114 -4.09 12.35 -18.08
CA HIS B 114 -5.33 12.86 -17.46
C HIS B 114 -5.24 14.38 -17.42
N PRO B 115 -5.27 15.04 -18.59
CA PRO B 115 -5.00 16.49 -18.61
C PRO B 115 -6.05 17.36 -17.90
N ASP B 116 -7.26 16.85 -17.64
CA ASP B 116 -8.30 17.66 -17.01
C ASP B 116 -8.35 17.49 -15.49
N LYS B 117 -7.41 16.75 -14.93
CA LYS B 117 -7.37 16.53 -13.49
C LYS B 117 -6.27 17.38 -12.88
N LYS B 118 -6.41 17.64 -11.59
CA LYS B 118 -5.40 18.40 -10.84
C LYS B 118 -4.66 17.45 -9.93
N PHE B 119 -3.36 17.31 -10.15
CA PHE B 119 -2.51 16.42 -9.38
C PHE B 119 -1.66 17.25 -8.45
N TYR B 120 -1.70 16.90 -7.18
CA TYR B 120 -0.84 17.47 -6.16
C TYR B 120 0.01 16.35 -5.61
N SER B 121 1.18 16.66 -5.10
CA SER B 121 2.07 15.63 -4.56
C SER B 121 2.43 15.95 -3.11
N ALA B 122 2.58 14.88 -2.33
CA ALA B 122 2.97 15.00 -0.93
C ALA B 122 4.02 13.95 -0.61
N SER B 123 4.99 14.34 0.22
CA SER B 123 6.00 13.42 0.68
C SER B 123 6.33 13.73 2.12
N LEU B 124 6.75 12.73 2.87
CA LEU B 124 7.19 13.01 4.25
C LEU B 124 8.52 13.75 4.25
N PHE B 125 9.50 13.25 3.51
CA PHE B 125 10.84 13.80 3.44
C PHE B 125 11.15 14.31 2.06
N GLN B 126 11.96 15.36 2.00
CA GLN B 126 12.35 16.01 0.75
C GLN B 126 13.79 16.49 0.86
N LYS B 127 14.64 16.01 -0.04
CA LYS B 127 15.99 16.61 -0.16
C LYS B 127 15.91 18.06 -0.57
N THR B 128 16.66 18.91 0.16
CA THR B 128 16.73 20.33 -0.20
C THR B 128 17.35 20.53 -1.57
N SER B 129 18.25 19.62 -1.99
CA SER B 129 18.92 19.75 -3.28
C SER B 129 18.15 19.13 -4.44
N ALA B 130 16.99 18.50 -4.18
CA ALA B 130 16.28 17.84 -5.28
C ALA B 130 15.89 18.83 -6.37
N LYS B 131 15.85 18.37 -7.63
CA LYS B 131 15.47 19.25 -8.75
C LYS B 131 13.97 19.47 -8.84
N TYR B 132 13.20 18.67 -8.13
CA TYR B 132 11.77 18.73 -8.19
C TYR B 132 11.32 18.43 -6.78
N LYS B 133 10.41 19.25 -6.28
CA LYS B 133 9.98 19.12 -4.90
C LYS B 133 8.48 18.92 -4.86
N ALA B 134 8.06 18.11 -3.89
CA ALA B 134 6.65 17.85 -3.73
C ALA B 134 5.89 19.12 -3.33
N ASP B 135 4.60 19.16 -3.64
CA ASP B 135 3.82 20.33 -3.29
C ASP B 135 3.72 20.47 -1.78
N ALA B 136 3.65 19.33 -1.05
CA ALA B 136 3.60 19.34 0.40
C ALA B 136 4.70 18.40 0.86
N PHE B 137 5.57 18.86 1.74
CA PHE B 137 6.54 17.98 2.40
C PHE B 137 6.77 18.50 3.82
N LEU B 138 7.17 17.60 4.70
CA LEU B 138 7.29 17.97 6.10
C LEU B 138 8.71 18.19 6.56
N LYS B 139 9.67 17.38 6.11
CA LYS B 139 10.99 17.38 6.70
C LYS B 139 12.09 17.34 5.65
N ASP B 140 13.21 18.01 5.92
CA ASP B 140 14.38 17.88 5.05
C ASP B 140 14.99 16.50 5.18
N ALA B 141 15.33 15.89 4.05
CA ALA B 141 15.91 14.56 4.07
C ALA B 141 17.42 14.63 4.33
N PRO B 142 17.91 13.89 5.31
CA PRO B 142 19.36 13.80 5.51
C PRO B 142 19.92 12.81 4.50
N GLU B 143 21.25 12.67 4.50
CA GLU B 143 21.89 11.79 3.54
C GLU B 143 21.60 10.34 3.83
N TRP B 144 21.50 9.96 5.10
CA TRP B 144 21.25 8.56 5.46
C TRP B 144 20.05 8.56 6.38
N ILE B 145 18.91 8.04 5.89
CA ILE B 145 17.76 7.80 6.74
C ILE B 145 17.17 6.48 6.35
N ASP B 146 16.84 5.67 7.34
CA ASP B 146 16.12 4.46 7.06
C ASP B 146 14.78 4.50 7.75
N PHE B 147 13.86 3.67 7.26
CA PHE B 147 12.48 3.70 7.66
C PHE B 147 12.03 2.41 8.33
N PHE B 148 11.06 2.53 9.23
CA PHE B 148 10.58 1.36 9.98
C PHE B 148 10.08 0.23 9.06
N TRP B 149 9.48 0.56 7.90
CA TRP B 149 9.02 -0.48 7.01
C TRP B 149 10.17 -1.20 6.32
N GLU B 150 11.36 -0.65 6.32
CA GLU B 150 12.54 -1.30 5.76
C GLU B 150 13.29 -2.10 6.82
N VAL B 151 13.34 -1.62 8.08
CA VAL B 151 14.31 -2.17 9.04
C VAL B 151 13.69 -2.90 10.24
N ASP B 152 12.42 -2.65 10.60
CA ASP B 152 11.91 -3.21 11.85
C ASP B 152 11.83 -4.74 11.82
N LEU B 153 11.47 -5.32 10.67
CA LEU B 153 11.36 -6.77 10.62
C LEU B 153 12.73 -7.42 10.75
N LYS B 154 13.73 -6.86 10.07
CA LYS B 154 15.08 -7.42 10.12
C LYS B 154 15.63 -7.39 11.53
N ASN B 155 15.35 -6.31 12.26
CA ASN B 155 15.81 -6.31 13.64
C ASN B 155 15.04 -7.32 14.49
N LEU B 156 13.73 -7.42 14.29
CA LEU B 156 12.96 -8.39 15.04
C LEU B 156 13.40 -9.81 14.74
N LYS B 157 13.74 -10.08 13.47
CA LYS B 157 14.22 -11.41 13.10
C LYS B 157 15.57 -11.71 13.74
N SER B 158 16.40 -10.68 13.92
CA SER B 158 17.69 -10.88 14.59
C SER B 158 17.48 -11.34 16.03
N HIS B 159 16.69 -10.61 16.81
CA HIS B 159 16.41 -10.96 18.20
C HIS B 159 15.44 -12.14 18.31
S SO4 C . -14.91 -10.32 2.06
O1 SO4 C . -15.17 -10.43 0.63
O2 SO4 C . -16.18 -10.58 2.77
O3 SO4 C . -13.94 -11.36 2.44
O4 SO4 C . -14.38 -9.02 2.42
S SO4 D . -10.50 -2.02 2.15
O1 SO4 D . -11.78 -2.66 1.86
O2 SO4 D . -9.55 -3.14 2.29
O3 SO4 D . -10.46 -1.26 3.38
O4 SO4 D . -10.22 -1.20 0.99
S SO4 E . 14.60 9.92 -6.70
O1 SO4 E . 14.17 8.66 -6.04
O2 SO4 E . 14.10 9.89 -8.07
O3 SO4 E . 16.03 10.06 -6.64
O4 SO4 E . 13.93 11.06 -6.02
S SO4 F . 11.07 0.89 -5.64
O1 SO4 F . 10.63 0.18 -6.89
O2 SO4 F . 10.14 0.74 -4.52
O3 SO4 F . 12.38 0.48 -5.16
O4 SO4 F . 11.15 2.32 -5.93
#